data_4A1V
#
_entry.id   4A1V
#
_cell.length_a   92.920
_cell.length_b   92.920
_cell.length_c   82.770
_cell.angle_alpha   90.00
_cell.angle_beta   90.00
_cell.angle_gamma   120.00
#
_symmetry.space_group_name_H-M   'P 61'
#
loop_
_entity.id
_entity.type
_entity.pdbx_description
1 polymer 'NON-STRUCTURAL PROTEIN 4A, SERINE PROTEASE NS3'
2 polymer CP5-46A-4D5E
3 non-polymer 'CHLORIDE ION'
4 non-polymer 'POTASSIUM ION'
5 water water
#
loop_
_entity_poly.entity_id
_entity_poly.type
_entity_poly.pdbx_seq_one_letter_code
_entity_poly.pdbx_strand_id
1 'polypeptide(L)'
;GSVVIVGRIILSGKGGPITAYSQQTRGLLGCIITSLTGRDRNQVEGEVQVVSTATQSFLATCVNGVCWTVYHGAGSKTLA
GPKGPITQMYTNVDQDLVGWQAPPGARSLTPCTCGSSDLYLVTRHADVIPVRRRGDSRGSLLSPRPVSYLKGSSGGPLLC
PSGHAVGIFRAAVCTRGVAKAVDFVPVESMETTMRGSHHHHHH
;
A,B
2 'polypeptide(L)' GELDELVYLLDGPGYDPIHS C,D
#
# COMPACT_ATOMS: atom_id res chain seq x y z
N GLY A 1 20.39 15.45 2.59
CA GLY A 1 20.18 14.71 1.34
C GLY A 1 19.36 13.48 1.67
N SER A 2 19.01 12.71 0.65
CA SER A 2 18.32 11.48 0.84
C SER A 2 19.17 10.41 1.53
N VAL A 3 18.47 9.49 2.17
CA VAL A 3 19.00 8.16 2.49
C VAL A 3 19.19 7.36 1.20
N VAL A 4 20.34 6.69 1.08
CA VAL A 4 20.73 5.98 -0.13
C VAL A 4 21.03 4.53 0.18
N ILE A 5 20.48 3.63 -0.61
CA ILE A 5 20.84 2.19 -0.50
C ILE A 5 22.25 1.98 -1.06
N VAL A 6 23.18 1.52 -0.24
CA VAL A 6 24.56 1.30 -0.66
C VAL A 6 24.96 -0.19 -0.58
N GLY A 7 24.04 -1.07 -0.17
CA GLY A 7 24.29 -2.52 -0.11
C GLY A 7 22.99 -3.22 0.32
N ARG A 8 23.00 -4.54 0.39
CA ARG A 8 21.87 -5.29 0.93
C ARG A 8 22.34 -6.56 1.62
N ILE A 9 21.48 -7.11 2.46
CA ILE A 9 21.73 -8.35 3.11
C ILE A 9 20.65 -9.30 2.64
N ILE A 10 21.06 -10.44 2.14
CA ILE A 10 20.11 -11.42 1.65
C ILE A 10 20.01 -12.59 2.61
N LEU A 11 18.79 -12.91 3.05
CA LEU A 11 18.56 -13.97 4.04
C LEU A 11 18.26 -15.27 3.35
N SER A 12 18.71 -16.37 3.95
CA SER A 12 18.47 -17.72 3.42
C SER A 12 16.99 -17.97 3.17
N PRO A 17 17.52 -23.13 9.12
CA PRO A 17 18.74 -22.52 9.63
C PRO A 17 18.97 -21.17 8.96
N ILE A 18 18.76 -20.09 9.71
CA ILE A 18 18.83 -18.75 9.15
C ILE A 18 20.28 -18.36 8.85
N THR A 19 20.57 -18.20 7.58
CA THR A 19 21.86 -17.66 7.15
C THR A 19 21.65 -16.32 6.44
N ALA A 20 22.75 -15.55 6.31
CA ALA A 20 22.75 -14.23 5.67
C ALA A 20 24.10 -13.95 4.98
N TYR A 21 24.04 -13.22 3.88
CA TYR A 21 25.24 -12.69 3.29
C TYR A 21 25.02 -11.28 2.80
N SER A 22 26.10 -10.52 2.73
CA SER A 22 26.01 -9.11 2.36
C SER A 22 26.57 -8.89 0.95
N GLN A 23 26.10 -7.86 0.27
CA GLN A 23 26.68 -7.47 -1.01
C GLN A 23 26.64 -5.97 -1.04
N GLN A 24 27.79 -5.33 -1.26
CA GLN A 24 27.88 -3.91 -1.56
C GLN A 24 27.24 -3.61 -2.92
N THR A 25 26.64 -2.43 -3.06
CA THR A 25 26.12 -1.99 -4.34
C THR A 25 26.61 -0.62 -4.77
N ARG A 26 27.05 0.20 -3.81
CA ARG A 26 27.48 1.55 -4.10
C ARG A 26 28.74 1.91 -3.33
N GLY A 27 29.58 2.72 -3.99
CA GLY A 27 30.73 3.32 -3.36
C GLY A 27 30.40 4.67 -2.80
N LEU A 28 31.39 5.26 -2.12
CA LEU A 28 31.17 6.45 -1.30
C LEU A 28 30.80 7.65 -2.18
N LEU A 29 31.45 7.76 -3.34
CA LEU A 29 31.21 8.90 -4.21
C LEU A 29 29.81 8.88 -4.81
N GLY A 30 29.39 7.73 -5.32
CA GLY A 30 28.04 7.55 -5.85
C GLY A 30 27.00 7.71 -4.75
N CYS A 31 27.33 7.24 -3.53
CA CYS A 31 26.50 7.49 -2.37
C CYS A 31 26.29 8.99 -2.13
N ILE A 32 27.37 9.77 -2.08
CA ILE A 32 27.23 11.23 -1.86
C ILE A 32 26.41 11.91 -2.97
N ILE A 33 26.72 11.60 -4.23
CA ILE A 33 25.98 12.15 -5.38
C ILE A 33 24.49 11.79 -5.35
N THR A 34 24.21 10.49 -5.21
CA THR A 34 22.83 9.99 -5.15
C THR A 34 22.07 10.64 -3.99
N SER A 35 22.78 10.94 -2.90
CA SER A 35 22.16 11.64 -1.80
C SER A 35 21.61 13.02 -2.19
N LEU A 36 22.38 13.75 -2.99
CA LEU A 36 22.01 15.09 -3.43
C LEU A 36 20.94 15.09 -4.50
N THR A 37 20.88 14.03 -5.32
CA THR A 37 19.88 13.98 -6.38
C THR A 37 18.61 13.28 -5.99
N GLY A 38 18.69 12.28 -5.10
CA GLY A 38 17.53 11.49 -4.70
C GLY A 38 17.12 10.49 -5.75
N ARG A 39 17.96 10.34 -6.77
CA ARG A 39 17.66 9.49 -7.91
C ARG A 39 18.54 8.24 -7.87
N ASP A 40 17.95 7.08 -7.61
CA ASP A 40 18.74 5.86 -7.47
C ASP A 40 18.18 4.84 -8.44
N ARG A 41 18.94 4.55 -9.49
CA ARG A 41 18.47 3.65 -10.55
C ARG A 41 18.90 2.21 -10.36
N ASN A 42 19.64 1.90 -9.30
CA ASN A 42 20.09 0.53 -9.08
C ASN A 42 18.95 -0.43 -8.82
N GLN A 43 19.14 -1.67 -9.25
CA GLN A 43 18.24 -2.76 -8.91
C GLN A 43 18.32 -2.99 -7.39
N VAL A 44 17.18 -3.13 -6.75
CA VAL A 44 17.10 -3.44 -5.34
C VAL A 44 16.80 -4.92 -5.18
N GLU A 45 17.47 -5.58 -4.22
CA GLU A 45 17.20 -6.99 -3.88
C GLU A 45 17.38 -7.20 -2.39
N GLY A 46 16.82 -8.28 -1.86
CA GLY A 46 17.03 -8.66 -0.46
C GLY A 46 16.06 -8.06 0.55
N GLU A 47 16.10 -8.60 1.77
CA GLU A 47 15.16 -8.23 2.81
C GLU A 47 15.64 -7.02 3.60
N VAL A 48 16.97 -6.82 3.61
CA VAL A 48 17.61 -5.84 4.49
C VAL A 48 18.49 -4.98 3.62
N GLN A 49 18.35 -3.66 3.73
CA GLN A 49 19.19 -2.74 2.94
C GLN A 49 20.19 -2.07 3.84
N VAL A 50 21.43 -1.95 3.36
CA VAL A 50 22.42 -1.10 4.00
C VAL A 50 22.19 0.28 3.41
N VAL A 51 21.98 1.26 4.27
CA VAL A 51 21.62 2.59 3.85
C VAL A 51 22.60 3.60 4.43
N SER A 52 22.80 4.69 3.71
CA SER A 52 23.68 5.73 4.17
C SER A 52 23.17 7.11 3.79
N THR A 53 23.40 8.08 4.68
CA THR A 53 23.31 9.49 4.32
C THR A 53 24.76 9.90 4.07
N ALA A 54 25.04 11.20 4.03
CA ALA A 54 26.41 11.69 3.88
C ALA A 54 27.23 11.56 5.16
N THR A 55 26.57 11.35 6.30
CA THR A 55 27.28 11.38 7.58
C THR A 55 27.16 10.08 8.40
N GLN A 56 26.23 9.19 8.04
CA GLN A 56 26.07 7.99 8.84
C GLN A 56 25.46 6.86 8.04
N SER A 57 25.72 5.63 8.46
CA SER A 57 25.10 4.48 7.80
C SER A 57 24.53 3.52 8.81
N PHE A 58 23.59 2.71 8.36
CA PHE A 58 22.78 1.87 9.23
C PHE A 58 21.96 0.94 8.32
N LEU A 59 20.94 0.29 8.87
CA LEU A 59 20.18 -0.76 8.14
C LEU A 59 18.72 -0.39 8.03
N ALA A 60 18.07 -0.88 6.98
CA ALA A 60 16.60 -0.81 6.92
C ALA A 60 16.05 -2.20 6.63
N THR A 61 14.89 -2.51 7.17
CA THR A 61 14.36 -3.87 7.06
C THR A 61 12.99 -3.83 6.37
N CYS A 62 12.82 -4.61 5.30
N CYS A 62 12.83 -4.63 5.32
CA CYS A 62 11.53 -4.68 4.62
CA CYS A 62 11.55 -4.72 4.64
C CYS A 62 10.53 -5.66 5.27
C CYS A 62 10.55 -5.68 5.31
N VAL A 63 9.42 -5.12 5.76
CA VAL A 63 8.34 -5.88 6.39
C VAL A 63 6.99 -5.41 5.83
N ASN A 64 6.25 -6.36 5.24
CA ASN A 64 4.94 -6.09 4.66
C ASN A 64 4.87 -4.90 3.70
N GLY A 65 5.77 -4.87 2.71
CA GLY A 65 5.77 -3.79 1.71
C GLY A 65 6.34 -2.46 2.19
N VAL A 66 6.75 -2.39 3.45
CA VAL A 66 7.36 -1.17 3.99
C VAL A 66 8.83 -1.38 4.38
N CYS A 67 9.66 -0.43 3.96
N CYS A 67 9.68 -0.45 3.94
CA CYS A 67 11.06 -0.40 4.33
CA CYS A 67 11.07 -0.40 4.36
C CYS A 67 11.23 0.42 5.60
C CYS A 67 11.21 0.42 5.62
N TRP A 68 11.51 -0.25 6.72
CA TRP A 68 11.55 0.39 8.01
C TRP A 68 12.94 0.62 8.49
N THR A 69 13.16 1.76 9.17
CA THR A 69 14.42 1.97 9.85
C THR A 69 14.27 2.86 11.07
N VAL A 70 15.39 3.22 11.65
CA VAL A 70 15.38 4.04 12.85
C VAL A 70 15.32 5.53 12.54
N TYR A 71 14.47 6.24 13.28
CA TYR A 71 14.44 7.67 13.20
C TYR A 71 15.80 8.31 13.48
N HIS A 72 16.56 7.80 14.46
CA HIS A 72 17.82 8.50 14.84
C HIS A 72 18.86 8.32 13.77
N GLY A 73 18.58 7.42 12.82
CA GLY A 73 19.41 7.24 11.62
C GLY A 73 18.89 8.04 10.43
N ALA A 74 17.60 7.92 10.12
CA ALA A 74 17.07 8.48 8.87
C ALA A 74 16.45 9.88 9.02
N GLY A 75 16.17 10.27 10.26
CA GLY A 75 15.41 11.48 10.55
C GLY A 75 14.16 11.46 9.68
N SER A 76 13.88 12.58 9.03
CA SER A 76 12.66 12.69 8.23
C SER A 76 12.97 12.70 6.73
N LYS A 77 14.14 12.16 6.37
CA LYS A 77 14.68 12.21 5.01
C LYS A 77 13.93 11.35 4.03
N THR A 78 13.96 11.75 2.77
CA THR A 78 13.51 10.89 1.69
C THR A 78 14.51 9.74 1.45
N LEU A 79 14.04 8.72 0.76
CA LEU A 79 14.88 7.63 0.32
C LEU A 79 15.07 7.84 -1.17
N ALA A 80 16.32 7.84 -1.65
CA ALA A 80 16.57 7.91 -3.10
C ALA A 80 15.93 6.73 -3.84
N GLY A 81 15.24 6.99 -4.94
CA GLY A 81 14.46 5.94 -5.66
C GLY A 81 14.55 6.13 -7.16
N PRO A 82 14.06 5.16 -7.95
CA PRO A 82 14.18 5.25 -9.41
C PRO A 82 13.43 6.45 -10.02
N LYS A 83 12.39 6.91 -9.34
CA LYS A 83 11.59 8.01 -9.87
C LYS A 83 11.83 9.28 -9.10
N GLY A 84 12.92 9.33 -8.33
CA GLY A 84 13.23 10.47 -7.50
C GLY A 84 13.02 10.12 -6.03
N PRO A 85 13.27 11.08 -5.16
CA PRO A 85 13.21 10.75 -3.72
C PRO A 85 11.82 10.30 -3.27
N ILE A 86 11.79 9.26 -2.44
CA ILE A 86 10.57 8.66 -1.90
C ILE A 86 10.26 9.28 -0.53
N THR A 87 9.09 9.90 -0.39
CA THR A 87 8.68 10.48 0.90
C THR A 87 8.38 9.36 1.89
N GLN A 88 8.76 9.54 3.14
CA GLN A 88 8.40 8.59 4.18
C GLN A 88 6.88 8.44 4.23
N MET A 89 6.43 7.21 4.28
CA MET A 89 5.03 6.89 4.42
C MET A 89 4.65 6.99 5.92
N TYR A 90 5.61 6.73 6.80
CA TYR A 90 5.36 6.69 8.24
C TYR A 90 6.51 7.33 8.97
N THR A 91 6.21 8.20 9.92
CA THR A 91 7.25 8.94 10.64
C THR A 91 6.76 9.00 12.08
N ASN A 92 7.30 8.11 12.90
CA ASN A 92 6.84 7.94 14.28
C ASN A 92 8.01 8.19 15.20
N VAL A 93 8.25 9.46 15.48
CA VAL A 93 9.41 9.91 16.25
C VAL A 93 9.51 9.28 17.66
N ASP A 94 8.37 9.09 18.30
CA ASP A 94 8.38 8.58 19.68
C ASP A 94 8.81 7.11 19.72
N GLN A 95 8.46 6.33 18.72
CA GLN A 95 8.92 4.94 18.66
C GLN A 95 10.30 4.82 18.00
N ASP A 96 10.84 5.93 17.49
CA ASP A 96 12.13 5.92 16.78
C ASP A 96 12.00 5.13 15.46
N LEU A 97 10.91 5.32 14.76
CA LEU A 97 10.55 4.48 13.63
C LEU A 97 10.11 5.31 12.43
N VAL A 98 10.71 5.04 11.26
CA VAL A 98 10.28 5.66 10.01
C VAL A 98 10.13 4.54 9.00
N GLY A 99 9.36 4.78 7.96
CA GLY A 99 9.18 3.79 6.93
C GLY A 99 8.86 4.47 5.62
N TRP A 100 9.41 3.92 4.54
CA TRP A 100 9.09 4.32 3.18
C TRP A 100 8.48 3.12 2.51
N GLN A 101 7.63 3.36 1.50
CA GLN A 101 7.14 2.25 0.66
C GLN A 101 8.35 1.47 0.12
N ALA A 102 8.28 0.15 0.14
CA ALA A 102 9.46 -0.64 -0.23
C ALA A 102 9.70 -0.53 -1.72
N PRO A 103 10.97 -0.38 -2.12
CA PRO A 103 11.30 -0.43 -3.54
C PRO A 103 10.86 -1.74 -4.17
N PRO A 104 10.47 -1.70 -5.45
CA PRO A 104 10.27 -2.92 -6.21
C PRO A 104 11.57 -3.74 -6.19
N GLY A 105 11.48 -5.04 -5.97
CA GLY A 105 12.69 -5.85 -5.94
C GLY A 105 13.06 -6.21 -4.51
N ALA A 106 12.69 -5.37 -3.55
CA ALA A 106 12.95 -5.67 -2.15
C ALA A 106 12.05 -6.81 -1.76
N ARG A 107 12.54 -7.66 -0.86
CA ARG A 107 11.74 -8.79 -0.47
C ARG A 107 11.28 -8.49 0.94
N SER A 108 9.97 -8.55 1.17
CA SER A 108 9.45 -8.26 2.47
C SER A 108 9.44 -9.49 3.29
N LEU A 109 9.78 -9.34 4.57
CA LEU A 109 9.44 -10.30 5.59
C LEU A 109 7.98 -10.11 6.00
N THR A 110 7.44 -11.14 6.62
CA THR A 110 6.10 -11.04 7.17
C THR A 110 6.22 -11.11 8.69
N PRO A 111 5.25 -10.54 9.42
CA PRO A 111 5.45 -10.45 10.87
C PRO A 111 5.37 -11.81 11.53
N CYS A 112 6.06 -11.96 12.66
CA CYS A 112 6.00 -13.17 13.43
C CYS A 112 4.69 -13.22 14.22
N THR A 113 3.97 -14.32 14.09
CA THR A 113 2.71 -14.51 14.80
C THR A 113 2.82 -15.63 15.83
N CYS A 114 3.70 -16.60 15.56
CA CYS A 114 3.91 -17.76 16.43
C CYS A 114 4.30 -17.42 17.90
N GLY A 115 4.92 -16.26 18.13
CA GLY A 115 5.23 -15.81 19.49
C GLY A 115 6.47 -16.39 20.15
N SER A 116 7.42 -16.87 19.34
CA SER A 116 8.67 -17.44 19.86
C SER A 116 9.50 -16.41 20.62
N SER A 117 10.14 -16.83 21.70
CA SER A 117 11.05 -15.98 22.45
C SER A 117 12.51 -16.31 22.11
N ASP A 118 12.71 -17.24 21.18
CA ASP A 118 14.05 -17.59 20.67
C ASP A 118 14.29 -16.90 19.33
N LEU A 119 15.10 -15.84 19.36
CA LEU A 119 15.23 -14.97 18.21
C LEU A 119 16.65 -14.95 17.67
N TYR A 120 16.81 -14.30 16.53
CA TYR A 120 18.09 -14.07 15.92
C TYR A 120 18.18 -12.61 15.49
N LEU A 121 19.30 -11.97 15.75
CA LEU A 121 19.52 -10.64 15.21
C LEU A 121 20.49 -10.79 14.02
N VAL A 122 20.19 -10.13 12.91
CA VAL A 122 21.06 -10.11 11.74
C VAL A 122 21.80 -8.79 11.79
N THR A 123 23.12 -8.87 11.88
CA THR A 123 23.94 -7.68 12.01
C THR A 123 24.36 -7.14 10.63
N ARG A 124 24.86 -5.92 10.65
CA ARG A 124 25.47 -5.28 9.47
C ARG A 124 26.50 -6.18 8.79
N HIS A 125 27.22 -7.00 9.56
CA HIS A 125 28.18 -7.92 8.94
C HIS A 125 27.59 -9.23 8.48
N ALA A 126 26.26 -9.30 8.41
CA ALA A 126 25.50 -10.49 8.04
C ALA A 126 25.77 -11.72 8.92
N ASP A 127 26.17 -11.47 10.17
CA ASP A 127 26.12 -12.53 11.16
C ASP A 127 24.69 -12.64 11.72
N VAL A 128 24.28 -13.87 12.01
CA VAL A 128 22.96 -14.19 12.54
C VAL A 128 23.20 -14.58 14.00
N ILE A 129 22.88 -13.71 14.95
CA ILE A 129 23.25 -13.97 16.34
C ILE A 129 22.04 -14.24 17.23
N PRO A 130 22.14 -15.30 18.06
CA PRO A 130 21.03 -15.74 18.93
C PRO A 130 20.65 -14.73 19.99
N VAL A 131 19.36 -14.53 20.14
CA VAL A 131 18.83 -13.55 21.09
C VAL A 131 17.68 -14.18 21.86
N ARG A 132 17.61 -13.94 23.17
CA ARG A 132 16.43 -14.36 23.94
C ARG A 132 15.51 -13.19 24.26
N ARG A 133 14.27 -13.25 23.81
CA ARG A 133 13.34 -12.17 24.09
C ARG A 133 13.07 -12.09 25.60
N ARG A 134 13.26 -10.89 26.16
CA ARG A 134 13.06 -10.65 27.59
C ARG A 134 11.95 -9.65 27.82
N GLY A 135 11.03 -9.49 26.88
CA GLY A 135 9.92 -8.56 27.05
C GLY A 135 9.50 -7.95 25.74
N ASP A 136 8.62 -6.95 25.81
CA ASP A 136 8.06 -6.32 24.61
C ASP A 136 9.14 -5.83 23.63
N SER A 137 10.14 -5.12 24.14
CA SER A 137 11.09 -4.42 23.26
C SER A 137 12.54 -4.66 23.66
N ARG A 138 12.80 -5.78 24.33
CA ARG A 138 14.13 -6.02 24.93
C ARG A 138 14.52 -7.49 24.72
N GLY A 139 15.76 -7.72 24.32
CA GLY A 139 16.28 -9.08 24.19
C GLY A 139 17.72 -9.18 24.66
N SER A 140 18.08 -10.29 25.30
CA SER A 140 19.46 -10.44 25.78
C SER A 140 20.30 -11.20 24.75
N LEU A 141 21.57 -10.82 24.62
CA LEU A 141 22.43 -11.54 23.70
C LEU A 141 22.98 -12.72 24.46
N LEU A 142 22.72 -13.92 23.96
CA LEU A 142 23.17 -15.16 24.62
C LEU A 142 24.68 -15.24 24.72
N SER A 143 25.36 -14.53 23.81
CA SER A 143 26.80 -14.39 23.85
C SER A 143 27.15 -12.91 23.71
N PRO A 144 27.52 -12.25 24.82
CA PRO A 144 27.92 -10.84 24.70
C PRO A 144 29.06 -10.61 23.68
N ARG A 145 28.99 -9.52 22.92
CA ARG A 145 30.01 -9.16 21.95
C ARG A 145 30.34 -7.68 22.14
N PRO A 146 31.58 -7.25 21.77
CA PRO A 146 31.94 -5.84 21.87
C PRO A 146 30.94 -4.99 21.11
N VAL A 147 30.67 -3.80 21.61
CA VAL A 147 29.65 -2.93 21.01
C VAL A 147 30.04 -2.44 19.61
N SER A 148 31.34 -2.32 19.36
CA SER A 148 31.87 -1.82 18.07
C SER A 148 31.48 -2.75 16.92
N TYR A 149 31.33 -4.03 17.25
CA TYR A 149 30.84 -5.04 16.34
C TYR A 149 29.38 -4.84 15.86
N LEU A 150 28.52 -4.25 16.70
CA LEU A 150 27.10 -4.01 16.34
C LEU A 150 26.90 -2.63 15.73
N LYS A 151 27.99 -1.88 15.60
CA LYS A 151 27.91 -0.54 15.05
C LYS A 151 27.51 -0.71 13.60
N GLY A 152 26.69 0.22 13.12
CA GLY A 152 26.18 0.11 11.77
C GLY A 152 24.95 -0.77 11.65
N SER A 153 24.55 -1.46 12.73
CA SER A 153 23.39 -2.39 12.64
C SER A 153 22.02 -1.85 13.07
N SER A 154 21.96 -0.60 13.57
CA SER A 154 20.66 0.04 13.86
C SER A 154 19.73 -0.13 12.66
N GLY A 155 18.50 -0.53 12.94
CA GLY A 155 17.53 -0.77 11.89
C GLY A 155 17.51 -2.20 11.36
N GLY A 156 18.45 -3.04 11.80
CA GLY A 156 18.47 -4.46 11.45
C GLY A 156 17.33 -5.28 12.07
N PRO A 157 17.03 -6.45 11.49
CA PRO A 157 15.85 -7.19 11.93
C PRO A 157 16.14 -8.21 13.04
N LEU A 158 15.13 -8.42 13.88
CA LEU A 158 15.12 -9.55 14.80
C LEU A 158 14.15 -10.55 14.23
N LEU A 159 14.63 -11.78 14.06
CA LEU A 159 13.83 -12.82 13.41
C LEU A 159 13.53 -13.94 14.39
N CYS A 160 12.37 -14.55 14.23
CA CYS A 160 12.04 -15.78 14.93
C CYS A 160 12.62 -16.95 14.10
N PRO A 161 12.62 -18.19 14.65
CA PRO A 161 13.24 -19.32 13.93
C PRO A 161 12.69 -19.61 12.54
N SER A 162 11.43 -19.31 12.27
CA SER A 162 10.90 -19.49 10.92
C SER A 162 11.33 -18.37 9.96
N GLY A 163 12.16 -17.45 10.43
CA GLY A 163 12.61 -16.33 9.61
C GLY A 163 11.55 -15.24 9.41
N HIS A 164 10.57 -15.17 10.31
CA HIS A 164 9.60 -14.06 10.27
C HIS A 164 10.05 -12.93 11.17
N ALA A 165 9.56 -11.72 10.93
CA ALA A 165 10.11 -10.53 11.63
C ALA A 165 9.47 -10.30 12.99
N VAL A 166 10.31 -10.12 14.00
CA VAL A 166 9.87 -9.79 15.33
C VAL A 166 10.00 -8.29 15.63
N GLY A 167 11.05 -7.66 15.12
CA GLY A 167 11.33 -6.26 15.44
C GLY A 167 12.49 -5.73 14.64
N ILE A 168 12.76 -4.44 14.79
CA ILE A 168 13.99 -3.88 14.27
C ILE A 168 14.80 -3.34 15.39
N PHE A 169 16.09 -3.59 15.30
CA PHE A 169 17.10 -3.22 16.26
C PHE A 169 17.28 -1.71 16.43
N ARG A 170 17.18 -1.23 17.66
CA ARG A 170 17.22 0.21 17.94
C ARG A 170 18.52 0.60 18.66
N ALA A 171 18.77 -0.02 19.80
CA ALA A 171 19.94 0.31 20.60
C ALA A 171 20.45 -0.93 21.34
N ALA A 172 21.71 -0.87 21.73
CA ALA A 172 22.36 -1.91 22.54
C ALA A 172 22.43 -1.51 24.01
N VAL A 173 22.30 -2.49 24.90
CA VAL A 173 22.50 -2.26 26.32
C VAL A 173 23.92 -2.71 26.60
N CYS A 174 24.75 -1.79 27.09
CA CYS A 174 26.21 -2.02 27.18
C CYS A 174 26.79 -1.76 28.56
N THR A 175 27.78 -2.57 28.93
CA THR A 175 28.57 -2.36 30.14
C THR A 175 30.04 -2.52 29.74
N ARG A 176 30.81 -1.46 29.92
CA ARG A 176 32.24 -1.46 29.59
C ARG A 176 32.51 -1.78 28.11
N GLY A 177 31.63 -1.30 27.22
CA GLY A 177 31.81 -1.49 25.79
C GLY A 177 31.47 -2.89 25.30
N VAL A 178 30.82 -3.67 26.16
CA VAL A 178 30.37 -5.01 25.80
C VAL A 178 28.85 -5.02 25.74
N ALA A 179 28.29 -5.30 24.56
CA ALA A 179 26.84 -5.33 24.37
C ALA A 179 26.24 -6.61 24.97
N LYS A 180 25.36 -6.45 25.97
CA LYS A 180 24.75 -7.60 26.62
C LYS A 180 23.29 -7.80 26.24
N ALA A 181 22.66 -6.74 25.74
CA ALA A 181 21.25 -6.83 25.41
C ALA A 181 21.02 -5.87 24.27
N VAL A 182 19.95 -6.10 23.54
CA VAL A 182 19.46 -5.18 22.53
C VAL A 182 18.06 -4.64 22.86
N ASP A 183 17.83 -3.40 22.46
CA ASP A 183 16.53 -2.76 22.52
C ASP A 183 15.99 -2.73 21.10
N PHE A 184 14.72 -3.08 20.92
CA PHE A 184 14.14 -3.10 19.60
C PHE A 184 12.72 -2.57 19.50
N VAL A 185 12.32 -2.18 18.28
CA VAL A 185 10.96 -1.73 18.05
C VAL A 185 10.17 -2.93 17.61
N PRO A 186 9.15 -3.36 18.40
CA PRO A 186 8.42 -4.57 18.06
C PRO A 186 7.58 -4.39 16.79
N VAL A 187 7.34 -5.49 16.09
CA VAL A 187 6.61 -5.44 14.83
C VAL A 187 5.17 -4.92 15.05
N GLU A 188 4.72 -5.05 16.31
CA GLU A 188 3.44 -4.52 16.80
C GLU A 188 3.32 -3.02 16.58
N SER A 189 4.38 -2.31 16.96
CA SER A 189 4.46 -0.87 16.75
C SER A 189 4.39 -0.51 15.27
N MET A 190 4.89 -1.37 14.40
CA MET A 190 4.75 -1.16 12.95
C MET A 190 3.30 -1.34 12.50
N GLU A 191 2.65 -2.38 13.02
CA GLU A 191 1.25 -2.66 12.72
C GLU A 191 0.35 -1.55 13.26
N THR A 192 0.68 -1.02 14.45
CA THR A 192 -0.02 0.16 14.99
C THR A 192 0.24 1.41 14.13
N THR A 193 1.50 1.85 14.00
CA THR A 193 1.86 3.01 13.14
C THR A 193 1.08 3.00 11.81
N MET A 194 0.96 1.83 11.19
CA MET A 194 0.11 1.66 10.00
C MET A 194 -1.35 1.64 10.40
N GLY B 1 -6.33 3.07 -24.44
CA GLY B 1 -6.14 4.35 -23.72
C GLY B 1 -6.46 4.12 -22.27
N SER B 2 -6.06 5.05 -21.40
CA SER B 2 -6.33 4.91 -19.97
C SER B 2 -7.79 5.10 -19.58
N VAL B 3 -8.12 4.56 -18.42
CA VAL B 3 -9.34 4.94 -17.72
C VAL B 3 -9.07 6.32 -17.11
N VAL B 4 -10.07 7.19 -17.21
CA VAL B 4 -9.97 8.59 -16.82
C VAL B 4 -11.09 8.94 -15.84
N ILE B 5 -10.73 9.55 -14.71
CA ILE B 5 -11.77 10.07 -13.81
C ILE B 5 -12.47 11.30 -14.44
N VAL B 6 -13.78 11.21 -14.66
CA VAL B 6 -14.54 12.32 -15.27
C VAL B 6 -15.55 12.96 -14.29
N GLY B 7 -15.67 12.40 -13.10
CA GLY B 7 -16.49 12.97 -12.04
C GLY B 7 -16.31 12.21 -10.76
N ARG B 8 -17.04 12.58 -9.71
CA ARG B 8 -17.00 11.87 -8.44
C ARG B 8 -18.33 11.93 -7.69
N ILE B 9 -18.53 10.98 -6.77
CA ILE B 9 -19.72 10.93 -5.93
C ILE B 9 -19.22 11.00 -4.50
N ILE B 10 -19.70 11.98 -3.77
CA ILE B 10 -19.25 12.22 -2.40
C ILE B 10 -20.36 11.72 -1.46
N LEU B 11 -20.01 10.86 -0.52
CA LEU B 11 -21.03 10.27 0.36
C LEU B 11 -21.15 11.01 1.68
N SER B 12 -22.33 10.98 2.28
CA SER B 12 -22.53 11.47 3.64
C SER B 12 -21.88 10.48 4.61
N GLY B 16 -26.63 10.73 9.60
CA GLY B 16 -27.84 9.91 9.70
C GLY B 16 -27.91 8.84 8.64
N PRO B 17 -28.95 8.86 7.79
CA PRO B 17 -29.05 7.86 6.72
C PRO B 17 -28.10 8.21 5.57
N ILE B 18 -27.82 7.26 4.68
CA ILE B 18 -26.80 7.46 3.67
C ILE B 18 -27.30 8.38 2.55
N THR B 19 -26.63 9.51 2.35
CA THR B 19 -26.87 10.38 1.18
C THR B 19 -25.62 10.57 0.30
N ALA B 20 -25.84 11.03 -0.92
CA ALA B 20 -24.77 11.19 -1.88
C ALA B 20 -25.14 12.30 -2.86
N TYR B 21 -24.12 12.96 -3.38
CA TYR B 21 -24.30 13.79 -4.56
C TYR B 21 -23.11 13.65 -5.49
N SER B 22 -23.35 14.00 -6.74
CA SER B 22 -22.39 13.84 -7.80
C SER B 22 -21.80 15.19 -8.17
N GLN B 23 -20.58 15.17 -8.70
CA GLN B 23 -19.98 16.36 -9.32
C GLN B 23 -19.18 15.95 -10.54
N GLN B 24 -19.47 16.58 -11.68
CA GLN B 24 -18.67 16.44 -12.87
C GLN B 24 -17.29 17.10 -12.68
N THR B 25 -16.24 16.52 -13.25
CA THR B 25 -14.92 17.15 -13.22
C THR B 25 -14.30 17.31 -14.62
N ARG B 26 -14.69 16.47 -15.57
CA ARG B 26 -14.13 16.54 -16.92
C ARG B 26 -15.18 16.45 -18.03
N GLY B 27 -14.87 17.09 -19.14
CA GLY B 27 -15.72 17.03 -20.32
C GLY B 27 -15.25 15.97 -21.28
N LEU B 28 -16.08 15.73 -22.29
CA LEU B 28 -15.83 14.73 -23.33
C LEU B 28 -14.45 14.83 -24.02
N LEU B 29 -14.05 16.04 -24.41
CA LEU B 29 -12.78 16.20 -25.13
C LEU B 29 -11.57 15.95 -24.22
N GLY B 30 -11.54 16.61 -23.07
CA GLY B 30 -10.52 16.38 -22.05
C GLY B 30 -10.47 14.92 -21.61
N CYS B 31 -11.60 14.24 -21.57
CA CYS B 31 -11.65 12.81 -21.34
C CYS B 31 -10.85 12.05 -22.42
N ILE B 32 -11.16 12.29 -23.71
CA ILE B 32 -10.44 11.64 -24.81
C ILE B 32 -8.94 11.89 -24.75
N ILE B 33 -8.55 13.16 -24.59
CA ILE B 33 -7.13 13.54 -24.56
C ILE B 33 -6.41 12.92 -23.36
N THR B 34 -6.99 13.03 -22.17
CA THR B 34 -6.41 12.47 -20.95
C THR B 34 -6.25 10.94 -21.09
N SER B 35 -7.18 10.32 -21.82
CA SER B 35 -7.10 8.89 -22.09
C SER B 35 -5.85 8.54 -22.89
N LEU B 36 -5.50 9.38 -23.86
CA LEU B 36 -4.32 9.15 -24.71
C LEU B 36 -3.02 9.49 -24.01
N THR B 37 -3.02 10.45 -23.09
CA THR B 37 -1.77 10.83 -22.46
C THR B 37 -1.50 10.08 -21.18
N GLY B 38 -2.57 9.60 -20.53
CA GLY B 38 -2.50 8.99 -19.20
C GLY B 38 -2.16 9.97 -18.09
N ARG B 39 -2.11 11.26 -18.42
CA ARG B 39 -1.69 12.25 -17.45
C ARG B 39 -2.91 13.03 -16.96
N ASP B 40 -3.25 12.90 -15.70
CA ASP B 40 -4.44 13.57 -15.17
C ASP B 40 -4.03 14.40 -13.97
N ARG B 41 -4.01 15.71 -14.15
CA ARG B 41 -3.52 16.59 -13.10
C ARG B 41 -4.60 17.16 -12.18
N ASN B 42 -5.85 16.73 -12.37
CA ASN B 42 -6.96 17.24 -11.55
C ASN B 42 -6.90 16.72 -10.13
N GLN B 43 -7.43 17.51 -9.22
CA GLN B 43 -7.61 17.11 -7.83
C GLN B 43 -8.69 16.02 -7.74
N VAL B 44 -8.45 15.00 -6.94
CA VAL B 44 -9.42 13.92 -6.74
C VAL B 44 -10.07 14.12 -5.39
N GLU B 45 -11.36 13.78 -5.30
CA GLU B 45 -12.12 13.88 -4.07
C GLU B 45 -13.19 12.80 -4.05
N GLY B 46 -13.66 12.45 -2.86
CA GLY B 46 -14.79 11.55 -2.70
C GLY B 46 -14.41 10.09 -2.68
N GLU B 47 -15.42 9.25 -2.47
CA GLU B 47 -15.20 7.84 -2.22
C GLU B 47 -15.42 7.04 -3.50
N VAL B 48 -16.20 7.62 -4.43
CA VAL B 48 -16.61 6.94 -5.65
C VAL B 48 -16.26 7.85 -6.83
N GLN B 49 -15.52 7.30 -7.79
CA GLN B 49 -15.10 8.05 -8.98
C GLN B 49 -15.97 7.67 -10.14
N VAL B 50 -16.38 8.66 -10.93
CA VAL B 50 -17.00 8.36 -12.21
C VAL B 50 -15.87 8.24 -13.23
N VAL B 51 -15.83 7.12 -13.94
CA VAL B 51 -14.69 6.88 -14.82
C VAL B 51 -15.11 6.55 -16.22
N SER B 52 -14.22 6.82 -17.16
CA SER B 52 -14.55 6.58 -18.54
C SER B 52 -13.29 6.21 -19.33
N THR B 53 -13.47 5.36 -20.32
CA THR B 53 -12.52 5.20 -21.41
C THR B 53 -13.06 6.05 -22.58
N ALA B 54 -12.53 5.90 -23.79
CA ALA B 54 -13.13 6.58 -24.97
C ALA B 54 -14.42 5.91 -25.45
N THR B 55 -14.71 4.69 -24.99
CA THR B 55 -15.92 4.04 -25.47
C THR B 55 -16.97 3.79 -24.39
N GLN B 56 -16.60 3.81 -23.12
CA GLN B 56 -17.57 3.49 -22.07
C GLN B 56 -17.29 4.15 -20.73
N SER B 57 -18.34 4.35 -19.94
CA SER B 57 -18.19 4.86 -18.58
C SER B 57 -18.95 4.02 -17.55
N PHE B 58 -18.51 4.16 -16.30
CA PHE B 58 -18.84 3.28 -15.19
C PHE B 58 -18.27 3.90 -13.91
N LEU B 59 -18.31 3.17 -12.81
CA LEU B 59 -17.88 3.68 -11.50
C LEU B 59 -16.70 2.93 -10.95
N ALA B 60 -15.98 3.58 -10.04
CA ALA B 60 -14.89 2.95 -9.31
C ALA B 60 -15.08 3.34 -7.85
N THR B 61 -14.82 2.41 -6.96
CA THR B 61 -15.02 2.60 -5.54
C THR B 61 -13.69 2.44 -4.79
N CYS B 62 -13.35 3.44 -3.99
N CYS B 62 -13.38 3.44 -3.99
CA CYS B 62 -12.17 3.39 -3.13
CA CYS B 62 -12.23 3.41 -3.10
C CYS B 62 -12.41 2.71 -1.79
C CYS B 62 -12.53 2.62 -1.82
N VAL B 63 -11.75 1.58 -1.58
CA VAL B 63 -11.86 0.75 -0.35
C VAL B 63 -10.43 0.43 0.12
N ASN B 64 -10.08 0.84 1.33
CA ASN B 64 -8.72 0.62 1.89
C ASN B 64 -7.57 1.03 0.97
N GLY B 65 -7.62 2.24 0.42
CA GLY B 65 -6.53 2.76 -0.40
C GLY B 65 -6.39 2.13 -1.78
N VAL B 66 -7.33 1.25 -2.10
CA VAL B 66 -7.41 0.71 -3.45
C VAL B 66 -8.68 1.18 -4.18
N CYS B 67 -8.50 1.72 -5.37
N CYS B 67 -8.48 1.73 -5.38
CA CYS B 67 -9.62 2.12 -6.18
CA CYS B 67 -9.60 2.10 -6.25
C CYS B 67 -10.04 0.95 -7.06
C CYS B 67 -10.04 0.92 -7.08
N TRP B 68 -11.21 0.37 -6.74
CA TRP B 68 -11.70 -0.89 -7.32
C TRP B 68 -12.78 -0.67 -8.34
N THR B 69 -12.77 -1.46 -9.41
CA THR B 69 -13.86 -1.42 -10.38
C THR B 69 -14.04 -2.77 -11.06
N VAL B 70 -14.92 -2.80 -12.06
CA VAL B 70 -15.18 -4.03 -12.78
C VAL B 70 -14.23 -4.25 -13.96
N TYR B 71 -13.75 -5.49 -14.08
CA TYR B 71 -12.92 -5.87 -15.20
C TYR B 71 -13.65 -5.66 -16.52
N HIS B 72 -14.96 -5.93 -16.59
CA HIS B 72 -15.65 -5.74 -17.89
C HIS B 72 -15.78 -4.31 -18.29
N GLY B 73 -15.54 -3.38 -17.36
CA GLY B 73 -15.46 -1.94 -17.68
C GLY B 73 -14.05 -1.46 -18.00
N ALA B 74 -13.09 -1.86 -17.15
CA ALA B 74 -11.75 -1.27 -17.17
C ALA B 74 -10.78 -2.10 -17.99
N GLY B 75 -11.12 -3.37 -18.22
CA GLY B 75 -10.17 -4.37 -18.69
C GLY B 75 -8.85 -4.26 -17.95
N SER B 76 -7.74 -4.35 -18.69
N SER B 76 -7.75 -4.35 -18.70
CA SER B 76 -6.38 -4.33 -18.14
CA SER B 76 -6.40 -4.33 -18.13
C SER B 76 -5.74 -2.93 -18.06
C SER B 76 -5.73 -2.96 -18.22
N LYS B 77 -6.54 -1.89 -18.35
CA LYS B 77 -6.04 -0.54 -18.59
C LYS B 77 -5.45 0.17 -17.39
N THR B 78 -4.52 1.08 -17.66
CA THR B 78 -4.02 1.99 -16.66
C THR B 78 -5.09 3.03 -16.31
N LEU B 79 -4.92 3.64 -15.14
CA LEU B 79 -5.72 4.79 -14.70
C LEU B 79 -4.88 6.02 -14.88
N ALA B 80 -5.42 7.03 -15.56
CA ALA B 80 -4.68 8.28 -15.77
C ALA B 80 -4.40 8.94 -14.43
N GLY B 81 -3.15 9.34 -14.19
CA GLY B 81 -2.77 9.87 -12.89
C GLY B 81 -1.88 11.11 -12.98
N PRO B 82 -1.60 11.73 -11.82
CA PRO B 82 -0.81 12.96 -11.80
C PRO B 82 0.64 12.74 -12.26
N LYS B 83 1.20 11.55 -12.04
CA LYS B 83 2.55 11.27 -12.54
C LYS B 83 2.55 10.40 -13.77
N GLY B 84 1.44 10.34 -14.48
CA GLY B 84 1.34 9.45 -15.65
C GLY B 84 0.46 8.25 -15.31
N PRO B 85 0.34 7.32 -16.27
CA PRO B 85 -0.62 6.21 -16.08
C PRO B 85 -0.25 5.32 -14.90
N ILE B 86 -1.27 4.85 -14.20
CA ILE B 86 -1.11 4.01 -13.03
C ILE B 86 -1.47 2.57 -13.40
N THR B 87 -0.51 1.69 -13.22
CA THR B 87 -0.71 0.27 -13.50
C THR B 87 -1.63 -0.32 -12.46
N GLN B 88 -2.50 -1.22 -12.90
CA GLN B 88 -3.33 -2.00 -11.98
C GLN B 88 -2.44 -2.72 -10.96
N MET B 89 -2.82 -2.59 -9.71
CA MET B 89 -2.21 -3.30 -8.61
C MET B 89 -2.84 -4.69 -8.53
N TYR B 90 -4.15 -4.82 -8.84
CA TYR B 90 -4.81 -6.13 -8.85
C TYR B 90 -5.65 -6.31 -10.08
N THR B 91 -5.58 -7.50 -10.67
CA THR B 91 -6.30 -7.77 -11.92
C THR B 91 -6.85 -9.20 -11.82
N ASN B 92 -8.08 -9.35 -11.35
CA ASN B 92 -8.66 -10.66 -11.09
C ASN B 92 -9.82 -10.93 -12.03
N VAL B 93 -9.51 -11.51 -13.18
CA VAL B 93 -10.44 -11.62 -14.30
C VAL B 93 -11.67 -12.49 -13.97
N ASP B 94 -11.49 -13.53 -13.15
CA ASP B 94 -12.55 -14.49 -12.92
C ASP B 94 -13.59 -13.87 -12.00
N GLN B 95 -13.13 -13.07 -11.04
CA GLN B 95 -14.02 -12.27 -10.20
C GLN B 95 -14.53 -10.97 -10.82
N ASP B 96 -14.08 -10.62 -12.03
CA ASP B 96 -14.50 -9.37 -12.69
C ASP B 96 -14.06 -8.14 -11.87
N LEU B 97 -12.86 -8.20 -11.33
CA LEU B 97 -12.40 -7.20 -10.41
C LEU B 97 -11.02 -6.70 -10.83
N VAL B 98 -10.84 -5.37 -10.82
CA VAL B 98 -9.51 -4.78 -10.89
C VAL B 98 -9.35 -3.64 -9.89
N GLY B 99 -8.11 -3.32 -9.55
CA GLY B 99 -7.83 -2.25 -8.62
C GLY B 99 -6.55 -1.53 -8.98
N TRP B 100 -6.54 -0.21 -8.76
CA TRP B 100 -5.35 0.63 -8.85
C TRP B 100 -5.10 1.21 -7.50
N GLN B 101 -3.85 1.54 -7.21
CA GLN B 101 -3.58 2.31 -5.99
C GLN B 101 -4.42 3.59 -6.07
N ALA B 102 -5.17 3.88 -5.01
CA ALA B 102 -6.04 5.06 -4.96
C ALA B 102 -5.21 6.32 -5.06
N PRO B 103 -5.66 7.26 -5.91
CA PRO B 103 -4.98 8.54 -6.02
C PRO B 103 -5.07 9.30 -4.68
N PRO B 104 -4.08 10.16 -4.35
N PRO B 104 -4.07 10.17 -4.40
CA PRO B 104 -3.98 10.74 -2.99
CA PRO B 104 -4.12 11.10 -3.28
C PRO B 104 -5.28 11.30 -2.35
C PRO B 104 -5.28 12.07 -3.47
N GLY B 105 -6.01 12.15 -3.08
N GLY B 105 -6.11 12.19 -2.44
CA GLY B 105 -7.16 12.88 -2.50
CA GLY B 105 -7.32 12.99 -2.52
C GLY B 105 -8.47 12.12 -2.31
C GLY B 105 -8.57 12.15 -2.37
N ALA B 106 -8.53 10.90 -2.84
CA ALA B 106 -9.70 10.05 -2.76
C ALA B 106 -9.98 9.65 -1.32
N ARG B 107 -11.25 9.45 -0.99
CA ARG B 107 -11.59 9.09 0.38
C ARG B 107 -11.91 7.61 0.39
N SER B 108 -11.14 6.87 1.15
CA SER B 108 -11.30 5.42 1.21
C SER B 108 -12.43 5.03 2.15
N LEU B 109 -13.26 4.10 1.71
CA LEU B 109 -14.20 3.44 2.59
C LEU B 109 -13.48 2.27 3.26
N THR B 110 -14.01 1.82 4.40
CA THR B 110 -13.50 0.64 5.08
C THR B 110 -14.51 -0.52 4.96
N PRO B 111 -14.03 -1.79 5.04
CA PRO B 111 -14.93 -2.96 4.93
C PRO B 111 -15.95 -3.05 6.06
N CYS B 112 -17.09 -3.71 5.79
CA CYS B 112 -18.23 -3.77 6.73
C CYS B 112 -17.89 -4.45 8.06
N SER B 117 -28.02 -6.47 7.29
CA SER B 117 -28.08 -7.12 5.98
C SER B 117 -29.04 -6.37 5.02
N ASP B 118 -29.58 -5.25 5.52
CA ASP B 118 -30.15 -4.24 4.66
C ASP B 118 -29.01 -3.36 4.15
N LEU B 119 -28.76 -3.40 2.84
CA LEU B 119 -27.67 -2.67 2.18
C LEU B 119 -28.19 -1.52 1.33
N TYR B 120 -27.28 -0.68 0.85
CA TYR B 120 -27.63 0.52 0.10
C TYR B 120 -26.71 0.64 -1.09
N LEU B 121 -27.30 0.66 -2.28
CA LEU B 121 -26.56 0.78 -3.52
C LEU B 121 -26.49 2.25 -3.89
N VAL B 122 -25.30 2.72 -4.25
CA VAL B 122 -25.13 4.11 -4.70
C VAL B 122 -24.98 4.08 -6.22
N THR B 123 -25.90 4.73 -6.92
CA THR B 123 -25.93 4.65 -8.39
C THR B 123 -25.14 5.79 -9.01
N ARG B 124 -24.88 5.67 -10.30
CA ARG B 124 -24.28 6.72 -11.11
C ARG B 124 -24.92 8.12 -10.90
N HIS B 125 -26.23 8.17 -10.73
CA HIS B 125 -26.85 9.47 -10.47
C HIS B 125 -26.87 9.88 -9.04
N ALA B 126 -26.14 9.14 -8.18
CA ALA B 126 -26.02 9.46 -6.76
C ALA B 126 -27.33 9.26 -5.99
N ASP B 127 -28.17 8.37 -6.48
CA ASP B 127 -29.29 7.91 -5.68
C ASP B 127 -28.82 6.75 -4.81
N VAL B 128 -29.40 6.66 -3.63
CA VAL B 128 -29.10 5.62 -2.67
C VAL B 128 -30.32 4.72 -2.63
N ILE B 129 -30.17 3.48 -3.02
CA ILE B 129 -31.33 2.60 -3.06
C ILE B 129 -31.13 1.36 -2.19
N PRO B 130 -32.18 0.99 -1.41
CA PRO B 130 -32.09 -0.11 -0.45
C PRO B 130 -31.97 -1.46 -1.14
N VAL B 131 -31.05 -2.28 -0.67
CA VAL B 131 -30.84 -3.63 -1.20
C VAL B 131 -30.84 -4.63 -0.04
N ARG B 132 -31.43 -5.79 -0.28
CA ARG B 132 -31.46 -6.86 0.71
C ARG B 132 -30.51 -7.97 0.27
N ARG B 133 -29.48 -8.22 1.08
CA ARG B 133 -28.51 -9.26 0.76
C ARG B 133 -29.16 -10.62 0.73
N ARG B 134 -28.96 -11.35 -0.38
CA ARG B 134 -29.54 -12.67 -0.57
C ARG B 134 -28.46 -13.72 -0.88
N GLY B 135 -27.49 -13.80 0.02
CA GLY B 135 -26.36 -14.70 -0.16
C GLY B 135 -25.08 -13.95 -0.40
N ASP B 136 -24.05 -14.67 -0.83
CA ASP B 136 -22.70 -14.14 -0.93
C ASP B 136 -22.56 -12.98 -1.91
N SER B 137 -22.98 -13.18 -3.15
CA SER B 137 -22.71 -12.21 -4.19
C SER B 137 -23.98 -11.71 -4.91
N ARG B 138 -25.13 -11.82 -4.24
CA ARG B 138 -26.41 -11.35 -4.82
C ARG B 138 -27.28 -10.65 -3.80
N GLY B 139 -27.97 -9.60 -4.26
CA GLY B 139 -28.90 -8.83 -3.42
C GLY B 139 -30.16 -8.53 -4.22
N SER B 140 -31.28 -8.30 -3.56
CA SER B 140 -32.51 -7.95 -4.30
C SER B 140 -32.86 -6.50 -4.06
N LEU B 141 -33.51 -5.89 -5.05
CA LEU B 141 -33.92 -4.52 -4.91
C LEU B 141 -35.26 -4.48 -4.18
N LEU B 142 -35.30 -3.80 -3.04
CA LEU B 142 -36.52 -3.70 -2.24
C LEU B 142 -37.60 -2.89 -2.93
N SER B 143 -37.18 -1.95 -3.78
CA SER B 143 -38.10 -1.25 -4.64
C SER B 143 -37.58 -1.36 -6.07
N PRO B 144 -38.16 -2.29 -6.86
CA PRO B 144 -37.77 -2.49 -8.26
C PRO B 144 -37.79 -1.19 -9.06
N ARG B 145 -36.81 -1.02 -9.95
CA ARG B 145 -36.72 0.17 -10.82
C ARG B 145 -36.34 -0.28 -12.21
N PRO B 146 -36.60 0.56 -13.22
CA PRO B 146 -36.15 0.18 -14.56
C PRO B 146 -34.63 -0.01 -14.57
N VAL B 147 -34.12 -0.90 -15.42
CA VAL B 147 -32.69 -1.12 -15.46
C VAL B 147 -31.95 0.11 -16.01
N SER B 148 -32.66 0.95 -16.75
CA SER B 148 -32.11 2.19 -17.28
C SER B 148 -31.67 3.12 -16.17
N TYR B 149 -32.30 2.99 -15.02
CA TYR B 149 -31.97 3.79 -13.85
C TYR B 149 -30.60 3.40 -13.29
N LEU B 150 -30.08 2.25 -13.70
CA LEU B 150 -28.80 1.71 -13.15
C LEU B 150 -27.67 1.75 -14.19
N LYS B 151 -27.99 2.34 -15.34
CA LYS B 151 -27.09 2.44 -16.49
C LYS B 151 -25.86 3.23 -16.04
N GLY B 152 -24.68 2.68 -16.25
CA GLY B 152 -23.47 3.40 -15.89
C GLY B 152 -23.02 3.26 -14.44
N SER B 153 -23.71 2.43 -13.64
CA SER B 153 -23.38 2.26 -12.22
C SER B 153 -22.43 1.07 -11.89
N SER B 154 -22.08 0.25 -12.88
CA SER B 154 -21.14 -0.88 -12.66
C SER B 154 -19.88 -0.40 -11.93
N GLY B 155 -19.44 -1.12 -10.92
CA GLY B 155 -18.33 -0.66 -10.13
C GLY B 155 -18.73 0.21 -8.96
N GLY B 156 -20.02 0.49 -8.80
CA GLY B 156 -20.54 1.31 -7.71
C GLY B 156 -20.55 0.54 -6.39
N PRO B 157 -20.59 1.27 -5.26
CA PRO B 157 -20.51 0.59 -3.97
C PRO B 157 -21.88 0.12 -3.42
N LEU B 158 -21.83 -1.01 -2.71
CA LEU B 158 -22.92 -1.46 -1.86
C LEU B 158 -22.48 -1.18 -0.47
N LEU B 159 -23.28 -0.40 0.24
CA LEU B 159 -22.95 0.01 1.60
C LEU B 159 -23.85 -0.68 2.64
N CYS B 160 -23.30 -0.83 3.86
CA CYS B 160 -24.09 -1.20 5.02
C CYS B 160 -24.62 0.10 5.61
N PRO B 161 -25.54 0.04 6.60
CA PRO B 161 -26.13 1.28 7.10
C PRO B 161 -25.17 2.30 7.72
N SER B 162 -24.03 1.86 8.24
CA SER B 162 -23.05 2.82 8.75
C SER B 162 -22.19 3.42 7.62
N GLY B 163 -22.43 2.99 6.39
CA GLY B 163 -21.65 3.49 5.26
C GLY B 163 -20.29 2.81 5.08
N HIS B 164 -20.18 1.58 5.59
CA HIS B 164 -19.02 0.75 5.30
C HIS B 164 -19.31 -0.08 4.07
N ALA B 165 -18.24 -0.48 3.39
CA ALA B 165 -18.37 -1.11 2.07
C ALA B 165 -18.57 -2.60 2.18
N VAL B 166 -19.53 -3.12 1.41
CA VAL B 166 -19.86 -4.53 1.42
C VAL B 166 -19.45 -5.17 0.11
N GLY B 167 -19.48 -4.39 -0.96
CA GLY B 167 -18.99 -4.87 -2.25
C GLY B 167 -19.15 -3.82 -3.33
N ILE B 168 -18.81 -4.20 -4.56
CA ILE B 168 -19.02 -3.34 -5.71
C ILE B 168 -19.95 -4.00 -6.70
N PHE B 169 -20.84 -3.18 -7.24
CA PHE B 169 -21.92 -3.59 -8.10
C PHE B 169 -21.42 -4.00 -9.50
N ARG B 170 -21.95 -5.10 -10.01
CA ARG B 170 -21.36 -5.76 -11.17
C ARG B 170 -22.33 -5.86 -12.32
N ALA B 171 -23.53 -6.37 -12.03
CA ALA B 171 -24.56 -6.58 -13.05
C ALA B 171 -25.91 -6.55 -12.38
N ALA B 172 -26.96 -6.27 -13.15
CA ALA B 172 -28.32 -6.40 -12.63
C ALA B 172 -29.01 -7.61 -13.24
N VAL B 173 -29.77 -8.32 -12.42
CA VAL B 173 -30.68 -9.36 -12.90
C VAL B 173 -32.00 -8.66 -13.24
N CYS B 174 -32.48 -8.92 -14.44
CA CYS B 174 -33.60 -8.18 -15.00
C CYS B 174 -34.72 -9.06 -15.51
N THR B 175 -35.94 -8.55 -15.38
CA THR B 175 -37.09 -9.15 -16.02
C THR B 175 -37.91 -8.04 -16.71
N ARG B 176 -37.99 -8.14 -18.03
CA ARG B 176 -38.75 -7.19 -18.87
C ARG B 176 -38.38 -5.72 -18.65
N GLY B 177 -37.09 -5.46 -18.43
CA GLY B 177 -36.58 -4.09 -18.34
C GLY B 177 -36.59 -3.53 -16.95
N VAL B 178 -36.99 -4.38 -16.00
CA VAL B 178 -37.08 -4.02 -14.61
C VAL B 178 -35.99 -4.75 -13.83
N ALA B 179 -35.19 -4.01 -13.08
CA ALA B 179 -34.11 -4.62 -12.32
C ALA B 179 -34.68 -5.07 -10.97
N LYS B 180 -34.43 -6.32 -10.62
CA LYS B 180 -34.98 -6.91 -9.41
C LYS B 180 -33.88 -7.23 -8.44
N ALA B 181 -32.75 -7.67 -8.98
CA ALA B 181 -31.64 -8.09 -8.18
C ALA B 181 -30.34 -7.51 -8.71
N VAL B 182 -29.40 -7.31 -7.81
CA VAL B 182 -28.06 -6.90 -8.19
C VAL B 182 -27.04 -7.99 -7.87
N ASP B 183 -26.14 -8.20 -8.82
CA ASP B 183 -24.99 -9.08 -8.64
C ASP B 183 -23.78 -8.22 -8.33
N PHE B 184 -23.07 -8.57 -7.27
CA PHE B 184 -21.90 -7.79 -6.85
C PHE B 184 -20.65 -8.62 -6.50
N VAL B 185 -19.52 -7.93 -6.37
CA VAL B 185 -18.27 -8.51 -5.93
C VAL B 185 -18.07 -8.20 -4.46
N PRO B 186 -18.05 -9.24 -3.61
CA PRO B 186 -17.95 -9.00 -2.16
C PRO B 186 -16.62 -8.39 -1.74
N VAL B 187 -16.64 -7.63 -0.65
CA VAL B 187 -15.43 -7.04 -0.09
C VAL B 187 -14.42 -8.12 0.31
N GLU B 188 -14.93 -9.32 0.56
CA GLU B 188 -14.12 -10.49 0.86
C GLU B 188 -13.25 -10.88 -0.35
N SER B 189 -13.85 -10.89 -1.53
CA SER B 189 -13.13 -11.20 -2.76
C SER B 189 -12.00 -10.18 -3.03
N MET B 190 -12.14 -8.99 -2.49
CA MET B 190 -11.08 -8.00 -2.58
C MET B 190 -9.92 -8.42 -1.68
N GLU B 191 -10.26 -8.95 -0.50
CA GLU B 191 -9.26 -9.49 0.43
C GLU B 191 -8.57 -10.77 -0.09
N THR B 192 -9.35 -11.74 -0.56
CA THR B 192 -8.81 -12.90 -1.29
C THR B 192 -7.87 -12.49 -2.44
N THR B 193 -8.30 -11.51 -3.24
CA THR B 193 -7.47 -10.97 -4.33
C THR B 193 -6.17 -10.36 -3.78
N MET B 194 -6.28 -9.51 -2.76
CA MET B 194 -5.15 -8.80 -2.14
C MET B 194 -4.03 -9.69 -1.53
N ARG B 195 -4.25 -11.02 -1.51
CA ARG B 195 -3.22 -11.96 -1.05
C ARG B 195 -3.30 -13.29 -1.81
N ASP C 4 23.36 -1.55 31.82
CA ASP C 4 23.91 -0.25 32.30
C ASP C 4 23.58 0.90 31.34
N GLU C 5 24.28 0.97 30.20
CA GLU C 5 24.15 2.07 29.22
C GLU C 5 23.41 1.67 27.94
N LEU C 6 22.59 2.59 27.41
CA LEU C 6 22.01 2.45 26.06
C LEU C 6 22.85 3.18 25.02
N VAL C 7 23.46 2.41 24.12
CA VAL C 7 24.34 2.94 23.10
C VAL C 7 23.67 2.85 21.71
N TYR C 8 23.70 3.96 20.98
CA TYR C 8 23.22 4.00 19.59
C TYR C 8 24.31 3.58 18.63
N LEU C 9 23.87 2.89 17.60
CA LEU C 9 24.77 2.09 16.80
C LEU C 9 24.79 2.56 15.34
N LEU C 10 24.80 3.89 15.14
CA LEU C 10 25.07 4.44 13.80
C LEU C 10 26.57 4.31 13.48
N ASP C 11 26.90 4.08 12.21
CA ASP C 11 28.30 4.13 11.79
C ASP C 11 28.55 5.32 10.87
N GLY C 12 29.82 5.56 10.52
CA GLY C 12 30.17 6.53 9.49
C GLY C 12 29.48 6.27 8.16
N PRO C 13 29.61 7.20 7.20
CA PRO C 13 28.92 7.07 5.91
C PRO C 13 29.48 5.97 4.99
N GLY C 14 28.62 5.43 4.13
CA GLY C 14 29.06 4.46 3.15
C GLY C 14 28.87 3.01 3.56
N TYR C 15 28.95 2.12 2.58
CA TYR C 15 28.82 0.69 2.80
C TYR C 15 29.83 0.17 3.81
N ASP C 16 31.08 0.56 3.64
CA ASP C 16 32.10 0.16 4.62
C ASP C 16 32.83 1.40 5.11
N PRO C 17 32.38 1.95 6.24
CA PRO C 17 32.87 3.27 6.67
C PRO C 17 34.35 3.26 7.06
N ILE C 18 35.05 4.32 6.67
CA ILE C 18 36.47 4.52 7.01
C ILE C 18 36.56 5.06 8.45
N HIS C 19 37.34 4.41 9.30
CA HIS C 19 37.46 4.86 10.71
C HIS C 19 38.60 5.80 10.98
N ASP D 4 -35.42 -14.95 -17.43
CA ASP D 4 -34.62 -13.80 -16.91
C ASP D 4 -33.41 -13.44 -17.79
N GLU D 5 -32.79 -12.31 -17.47
CA GLU D 5 -31.71 -11.73 -18.27
C GLU D 5 -30.67 -11.07 -17.36
N LEU D 6 -29.38 -11.35 -17.64
CA LEU D 6 -28.29 -10.84 -16.82
C LEU D 6 -27.56 -9.69 -17.53
N VAL D 7 -27.76 -8.47 -17.02
CA VAL D 7 -27.38 -7.24 -17.71
C VAL D 7 -26.13 -6.56 -17.10
N TYR D 8 -25.22 -6.14 -17.96
CA TYR D 8 -24.03 -5.40 -17.55
C TYR D 8 -24.35 -3.95 -17.73
N LEU D 9 -23.78 -3.09 -16.90
CA LEU D 9 -24.31 -1.75 -16.84
C LEU D 9 -23.31 -0.66 -17.20
N LEU D 10 -22.70 -0.82 -18.37
CA LEU D 10 -21.76 0.16 -18.85
C LEU D 10 -22.59 1.18 -19.60
N ASP D 11 -22.14 2.43 -19.59
CA ASP D 11 -22.76 3.46 -20.41
C ASP D 11 -21.75 3.93 -21.47
N GLY D 12 -22.18 4.83 -22.34
CA GLY D 12 -21.28 5.46 -23.33
C GLY D 12 -20.22 6.28 -22.63
N PRO D 13 -19.27 6.83 -23.39
CA PRO D 13 -18.13 7.57 -22.83
C PRO D 13 -18.49 8.93 -22.22
N GLY D 14 -17.73 9.36 -21.21
CA GLY D 14 -17.88 10.71 -20.64
C GLY D 14 -18.74 10.72 -19.40
N TYR D 15 -18.76 11.86 -18.72
CA TYR D 15 -19.52 11.99 -17.50
C TYR D 15 -21.01 11.85 -17.73
N ASP D 16 -21.50 12.55 -18.74
CA ASP D 16 -22.90 12.47 -19.16
C ASP D 16 -22.98 11.98 -20.61
N PRO D 17 -23.16 10.67 -20.80
CA PRO D 17 -23.08 10.10 -22.15
C PRO D 17 -24.24 10.52 -23.06
N ILE D 18 -23.91 10.78 -24.32
CA ILE D 18 -24.87 11.26 -25.32
C ILE D 18 -25.70 10.11 -25.92
N HIS D 19 -27.02 10.31 -26.04
CA HIS D 19 -27.93 9.35 -26.71
C HIS D 19 -28.73 9.98 -27.83
N SER D 20 -29.16 9.16 -28.79
CA SER D 20 -29.99 9.64 -29.89
C SER D 20 -31.47 9.30 -29.68
#